data_4OHX
#
_entry.id   4OHX
#
_cell.length_a   98.910
_cell.length_b   98.910
_cell.length_c   42.810
_cell.angle_alpha   90.00
_cell.angle_beta   90.00
_cell.angle_gamma   120.00
#
_symmetry.space_group_name_H-M   'P 31'
#
loop_
_entity.id
_entity.type
_entity.pdbx_description
1 polymer 'Protein clpf-1'
2 non-polymer "ADENOSINE-5'-DIPHOSPHATE"
3 non-polymer 'MAGNESIUM ION'
4 non-polymer 'NONAETHYLENE GLYCOL'
5 water water
#
_entity_poly.entity_id   1
_entity_poly.type   'polypeptide(L)'
_entity_poly.pdbx_seq_one_letter_code
;GSHMSEENVQEFVLKEDCELRFAAGDDSDVCLELVKGYAEIFGTELLLNKKYTFPAKSRVAAFTWKGATIELVGTTESAY
VAESTPMVIYLNIHAAMEEVRKKREEQAAGNSNKAKGPRLLLVGPTDVGKTTVSRILCNYSVRQGRTPIFVELDVGQNSV
SVPGTVAAVLVQKTADVIDGFERNQPIVFNFGHTSPSANLSLYEALFKEMATTLNAQIQENDEAKIGGMIINTCGWVDGE
GYKCIVKAASAFEVDVVIVLDHERLYSDLSKELPEFVRLTHVPKSGGVEQRTGQIRSKMRGENVHRYFYGTRANNLYPFT
FDVSFDDVTLCKIGAEQLPDSCLPFGMEVENHETKLVIMEPSADIKHHLFAFSRSTKADENVLKSPVFGFCLVTEVDLEK
RTMSILCPQRTIPSKVLVFSDITHLDDQIKR
;
_entity_poly.pdbx_strand_id   A
#
loop_
_chem_comp.id
_chem_comp.type
_chem_comp.name
_chem_comp.formula
2PE non-polymer 'NONAETHYLENE GLYCOL' 'C18 H38 O10'
ADP non-polymer ADENOSINE-5'-DIPHOSPHATE 'C10 H15 N5 O10 P2'
MG non-polymer 'MAGNESIUM ION' 'Mg 2'
#
# COMPACT_ATOMS: atom_id res chain seq x y z
N GLU A 7 15.00 12.54 29.52
CA GLU A 7 14.97 12.10 28.11
C GLU A 7 15.86 12.98 27.24
N ASN A 8 16.71 12.35 26.42
CA ASN A 8 17.66 13.04 25.55
C ASN A 8 16.95 13.73 24.39
N VAL A 9 17.33 14.97 24.10
CA VAL A 9 16.62 15.85 23.16
C VAL A 9 17.58 16.33 22.07
N GLN A 10 17.11 16.43 20.84
CA GLN A 10 17.90 16.95 19.73
C GLN A 10 17.04 18.05 19.10
N GLU A 11 17.64 19.21 18.86
CA GLU A 11 16.92 20.35 18.25
C GLU A 11 17.49 20.57 16.85
N PHE A 12 16.62 20.81 15.89
CA PHE A 12 17.04 20.97 14.51
C PHE A 12 16.37 22.23 13.92
N VAL A 13 17.16 23.03 13.20
CA VAL A 13 16.65 24.16 12.44
C VAL A 13 16.72 23.71 11.00
N LEU A 14 15.59 23.81 10.33
CA LEU A 14 15.45 23.48 8.93
C LEU A 14 15.22 24.76 8.15
N LYS A 15 16.13 25.05 7.23
CA LYS A 15 15.91 26.11 6.25
C LYS A 15 14.82 25.70 5.28
N GLU A 16 14.27 26.67 4.56
CA GLU A 16 13.34 26.35 3.49
C GLU A 16 13.94 25.21 2.62
N ASP A 17 13.09 24.27 2.25
CA ASP A 17 13.39 23.16 1.30
C ASP A 17 14.38 22.08 1.80
N CYS A 18 14.40 21.90 3.13
CA CYS A 18 15.27 20.92 3.75
C CYS A 18 14.41 19.94 4.50
N GLU A 19 14.96 18.76 4.74
CA GLU A 19 14.28 17.76 5.53
C GLU A 19 15.18 17.14 6.58
N LEU A 20 14.56 16.90 7.71
CA LEU A 20 15.15 16.14 8.80
C LEU A 20 14.86 14.68 8.54
N ARG A 21 15.92 13.89 8.24
CA ARG A 21 15.85 12.44 8.01
C ARG A 21 16.35 11.75 9.26
N PHE A 22 15.50 10.92 9.85
CA PHE A 22 15.91 10.18 11.04
C PHE A 22 15.39 8.75 10.98
N ALA A 23 16.12 7.88 11.69
CA ALA A 23 15.74 6.50 11.91
C ALA A 23 15.72 6.27 13.43
N ALA A 24 14.59 5.80 13.94
CA ALA A 24 14.48 5.36 15.32
C ALA A 24 15.45 4.23 15.62
N GLY A 25 15.89 4.16 16.88
CA GLY A 25 16.81 3.10 17.29
C GLY A 25 16.19 1.73 17.10
N ASP A 26 17.02 0.71 17.17
CA ASP A 26 16.54 -0.67 17.11
C ASP A 26 15.56 -1.01 18.26
N ASP A 27 15.67 -0.30 19.39
CA ASP A 27 14.92 -0.63 20.61
C ASP A 27 14.16 0.51 21.31
N SER A 28 13.81 1.61 20.62
CA SER A 28 13.04 2.68 21.28
C SER A 28 12.27 3.63 20.35
N ASP A 29 11.28 4.32 20.93
CA ASP A 29 10.49 5.36 20.24
C ASP A 29 11.25 6.65 20.09
N VAL A 30 10.79 7.51 19.16
CA VAL A 30 11.23 8.91 19.07
C VAL A 30 10.00 9.82 18.92
N CYS A 31 9.93 10.91 19.70
CA CYS A 31 8.82 11.90 19.62
C CYS A 31 9.27 13.21 18.92
N LEU A 32 8.43 13.70 18.01
CA LEU A 32 8.70 14.90 17.21
C LEU A 32 7.68 16.01 17.51
N GLU A 33 8.16 17.23 17.70
CA GLU A 33 7.29 18.41 17.91
C GLU A 33 7.78 19.59 17.08
N LEU A 34 6.88 20.16 16.29
CA LEU A 34 7.11 21.43 15.61
C LEU A 34 6.89 22.56 16.63
N VAL A 35 7.91 23.37 16.82
CA VAL A 35 7.86 24.43 17.83
C VAL A 35 7.81 25.83 17.22
N LYS A 36 8.15 25.96 15.94
CA LYS A 36 7.97 27.24 15.24
C LYS A 36 7.82 26.97 13.75
N GLY A 37 6.97 27.77 13.12
CA GLY A 37 6.86 27.74 11.67
C GLY A 37 5.88 26.69 11.17
N TYR A 38 6.26 26.03 10.08
CA TYR A 38 5.40 25.08 9.33
C TYR A 38 6.23 23.91 8.79
N ALA A 39 5.66 22.71 8.81
CA ALA A 39 6.35 21.53 8.26
C ALA A 39 5.35 20.45 7.91
N GLU A 40 5.84 19.42 7.19
CA GLU A 40 5.02 18.24 6.79
C GLU A 40 5.79 16.90 6.76
N ILE A 41 5.11 15.79 7.02
CA ILE A 41 5.75 14.46 6.89
C ILE A 41 5.09 13.65 5.79
N PHE A 42 5.88 13.29 4.78
CA PHE A 42 5.39 12.65 3.56
C PHE A 42 4.03 13.24 3.08
N GLY A 43 3.92 14.56 3.12
CA GLY A 43 2.74 15.33 2.65
C GLY A 43 1.66 15.81 3.63
N THR A 44 1.66 15.36 4.87
CA THR A 44 0.65 15.83 5.85
C THR A 44 1.23 16.97 6.69
N GLU A 45 0.50 18.10 6.78
CA GLU A 45 0.90 19.26 7.60
C GLU A 45 0.93 18.94 9.09
N LEU A 46 2.01 19.36 9.76
CA LEU A 46 2.11 19.21 11.20
C LEU A 46 1.36 20.36 11.92
N LEU A 47 0.75 20.07 13.07
CA LEU A 47 0.13 21.12 13.90
C LEU A 47 1.15 21.70 14.91
N LEU A 48 1.19 23.03 15.00
CA LEU A 48 2.12 23.74 15.89
C LEU A 48 1.94 23.24 17.32
N ASN A 49 3.03 22.80 17.92
CA ASN A 49 3.07 22.30 19.31
C ASN A 49 2.36 20.97 19.59
N LYS A 50 1.95 20.23 18.56
CA LYS A 50 1.46 18.87 18.72
C LYS A 50 2.63 17.88 18.79
N LYS A 51 2.56 16.91 19.71
CA LYS A 51 3.62 15.90 19.84
C LYS A 51 3.29 14.63 19.05
N TYR A 52 4.22 14.20 18.17
CA TYR A 52 4.05 13.01 17.30
C TYR A 52 5.03 11.89 17.68
N THR A 53 4.54 10.73 18.08
CA THR A 53 5.41 9.63 18.58
C THR A 53 5.60 8.46 17.59
N PHE A 54 6.85 8.21 17.17
CA PHE A 54 7.20 7.16 16.18
C PHE A 54 7.88 5.96 16.83
N PRO A 55 7.58 4.74 16.33
CA PRO A 55 8.16 3.51 16.91
C PRO A 55 9.54 3.09 16.37
N ALA A 56 10.15 2.10 17.02
CA ALA A 56 11.51 1.64 16.72
C ALA A 56 11.69 1.20 15.28
N LYS A 57 12.87 1.50 14.74
CA LYS A 57 13.24 1.18 13.35
C LYS A 57 12.46 1.96 12.28
N SER A 58 11.64 2.94 12.67
CA SER A 58 11.01 3.85 11.72
C SER A 58 12.08 4.65 10.99
N ARG A 59 11.91 4.84 9.68
CA ARG A 59 12.72 5.76 8.89
C ARG A 59 11.78 6.82 8.33
N VAL A 60 12.03 8.07 8.66
CA VAL A 60 11.09 9.18 8.44
C VAL A 60 11.86 10.41 7.96
N ALA A 61 11.19 11.27 7.20
CA ALA A 61 11.70 12.61 6.89
C ALA A 61 10.61 13.66 7.14
N ALA A 62 10.95 14.74 7.84
CA ALA A 62 10.06 15.91 7.98
C ALA A 62 10.62 17.06 7.16
N PHE A 63 9.85 17.49 6.17
CA PHE A 63 10.23 18.50 5.18
C PHE A 63 9.50 19.84 5.42
N THR A 64 10.15 20.95 5.13
CA THR A 64 9.48 22.27 5.25
C THR A 64 9.68 23.05 3.97
N TRP A 65 8.60 23.71 3.54
CA TRP A 65 8.63 24.64 2.42
C TRP A 65 9.05 26.06 2.85
N LYS A 66 8.83 26.45 4.11
CA LYS A 66 9.07 27.84 4.53
C LYS A 66 10.12 28.00 5.62
N GLY A 67 10.44 26.92 6.33
CA GLY A 67 11.33 27.03 7.46
C GLY A 67 10.62 26.59 8.72
N ALA A 68 11.34 25.80 9.51
CA ALA A 68 10.78 25.24 10.72
C ALA A 68 11.86 24.99 11.75
N THR A 69 11.43 24.97 13.01
CA THR A 69 12.28 24.47 14.07
C THR A 69 11.59 23.28 14.69
N ILE A 70 12.34 22.15 14.78
CA ILE A 70 11.78 20.85 15.20
C ILE A 70 12.61 20.23 16.34
N GLU A 71 11.90 19.77 17.38
CA GLU A 71 12.49 19.04 18.51
C GLU A 71 12.24 17.52 18.34
N LEU A 72 13.29 16.70 18.51
CA LEU A 72 13.19 15.23 18.58
C LEU A 72 13.56 14.75 19.98
N VAL A 73 12.71 13.92 20.59
CA VAL A 73 12.94 13.37 21.93
C VAL A 73 13.08 11.83 21.80
N GLY A 74 14.22 11.27 22.26
CA GLY A 74 14.50 9.82 22.25
C GLY A 74 15.79 9.42 21.52
N THR A 75 16.15 8.13 21.56
CA THR A 75 17.36 7.62 20.89
C THR A 75 17.13 7.33 19.39
N THR A 76 18.04 7.84 18.54
CA THR A 76 18.00 7.63 17.10
C THR A 76 19.23 6.81 16.63
N GLU A 77 19.06 5.99 15.58
CA GLU A 77 20.17 5.27 14.94
CA GLU A 77 20.20 5.29 14.98
C GLU A 77 20.92 6.22 14.01
N SER A 78 20.17 7.15 13.43
CA SER A 78 20.72 8.23 12.58
C SER A 78 19.71 9.40 12.60
N ALA A 79 20.20 10.63 12.48
CA ALA A 79 19.33 11.80 12.40
C ALA A 79 20.14 12.98 11.85
N TYR A 80 19.80 13.44 10.65
CA TYR A 80 20.52 14.56 10.03
C TYR A 80 19.56 15.35 9.13
N VAL A 81 19.93 16.60 8.87
CA VAL A 81 19.15 17.45 7.97
C VAL A 81 19.79 17.34 6.58
N ALA A 82 18.99 16.96 5.59
CA ALA A 82 19.45 16.89 4.21
C ALA A 82 19.03 18.16 3.48
N GLU A 83 19.94 18.74 2.71
CA GLU A 83 19.67 20.03 2.05
C GLU A 83 19.28 19.87 0.61
N SER A 84 19.29 18.62 0.12
CA SER A 84 19.02 18.31 -1.26
C SER A 84 18.11 17.09 -1.30
N THR A 85 16.92 17.30 -1.86
CA THR A 85 15.90 16.29 -1.96
C THR A 85 15.25 16.39 -3.32
N PRO A 86 14.54 15.35 -3.73
CA PRO A 86 13.71 15.43 -4.92
C PRO A 86 12.27 15.98 -4.69
N MET A 87 12.01 16.74 -3.61
CA MET A 87 10.60 17.10 -3.24
C MET A 87 9.88 18.02 -4.20
N VAL A 88 10.59 18.97 -4.78
CA VAL A 88 9.97 19.80 -5.81
C VAL A 88 9.53 18.97 -7.02
N ILE A 89 10.30 17.91 -7.34
CA ILE A 89 9.95 17.00 -8.42
C ILE A 89 8.54 16.44 -8.18
N TYR A 90 8.27 15.97 -6.96
CA TYR A 90 6.94 15.47 -6.57
C TYR A 90 5.85 16.52 -6.53
N LEU A 91 6.13 17.70 -6.01
CA LEU A 91 5.12 18.77 -6.03
C LEU A 91 4.70 19.08 -7.45
N ASN A 92 5.69 19.07 -8.36
CA ASN A 92 5.41 19.39 -9.76
C ASN A 92 4.64 18.26 -10.46
N ILE A 93 4.88 17.02 -10.05
CA ILE A 93 4.02 15.92 -10.51
C ILE A 93 2.56 16.16 -10.06
N HIS A 94 2.36 16.50 -8.79
CA HIS A 94 1.02 16.93 -8.27
C HIS A 94 0.40 18.09 -9.05
N ALA A 95 1.17 19.17 -9.23
CA ALA A 95 0.69 20.36 -9.94
C ALA A 95 0.18 20.01 -11.32
N ALA A 96 0.96 19.20 -12.03
CA ALA A 96 0.60 18.73 -13.37
C ALA A 96 -0.69 17.90 -13.40
N MET A 97 -0.85 17.02 -12.42
CA MET A 97 -2.11 16.32 -12.25
C MET A 97 -3.30 17.27 -12.04
N GLU A 98 -3.18 18.30 -11.19
CA GLU A 98 -4.33 19.20 -10.90
C GLU A 98 -4.66 20.05 -12.11
N GLU A 99 -3.63 20.41 -12.89
CA GLU A 99 -3.85 21.11 -14.16
C GLU A 99 -4.70 20.27 -15.10
N VAL A 100 -4.40 18.97 -15.16
CA VAL A 100 -5.19 18.06 -16.00
C VAL A 100 -6.65 17.97 -15.52
N ARG A 101 -6.88 18.03 -14.20
CA ARG A 101 -8.26 18.04 -13.66
C ARG A 101 -9.07 19.25 -14.11
N LYS A 102 -8.47 20.43 -13.97
CA LYS A 102 -9.17 21.68 -14.30
C LYS A 102 -9.46 21.79 -15.79
N LYS A 103 -8.49 21.38 -16.62
CA LYS A 103 -8.73 21.25 -18.08
C LYS A 103 -9.96 20.40 -18.36
N ARG A 104 -9.97 19.22 -17.75
CA ARG A 104 -11.03 18.24 -18.00
C ARG A 104 -12.38 18.65 -17.37
N GLU A 105 -12.32 19.43 -16.28
CA GLU A 105 -13.54 19.96 -15.63
C GLU A 105 -14.30 20.97 -16.49
N GLU A 106 -13.57 21.87 -17.13
CA GLU A 106 -14.16 22.90 -17.97
C GLU A 106 -14.60 22.34 -19.31
N GLN A 107 -13.90 21.32 -19.78
CA GLN A 107 -14.32 20.57 -20.96
C GLN A 107 -15.58 19.71 -20.72
N ALA A 108 -15.96 19.48 -19.46
CA ALA A 108 -17.13 18.66 -19.12
C ALA A 108 -18.36 19.45 -18.61
N ALA A 109 -18.31 20.78 -18.70
CA ALA A 109 -19.38 21.63 -18.17
C ALA A 109 -20.35 22.05 -19.27
N LYS A 114 -19.07 13.81 -17.08
CA LYS A 114 -18.28 14.35 -15.97
C LYS A 114 -16.79 14.06 -16.11
N ALA A 115 -15.97 15.05 -15.78
CA ALA A 115 -14.50 14.97 -15.94
C ALA A 115 -13.86 13.76 -15.25
N LYS A 116 -12.87 13.13 -15.91
CA LYS A 116 -12.15 11.97 -15.36
C LYS A 116 -10.72 12.39 -15.00
N GLY A 117 -10.31 12.09 -13.77
CA GLY A 117 -9.00 12.52 -13.27
C GLY A 117 -7.84 11.74 -13.86
N PRO A 118 -6.62 12.29 -13.77
CA PRO A 118 -5.43 11.62 -14.30
C PRO A 118 -5.01 10.37 -13.51
N ARG A 119 -4.32 9.44 -14.18
CA ARG A 119 -3.86 8.17 -13.58
C ARG A 119 -2.34 7.91 -13.78
N LEU A 120 -1.67 7.61 -12.68
CA LEU A 120 -0.22 7.57 -12.61
C LEU A 120 0.30 6.21 -12.13
N LEU A 121 1.24 5.61 -12.89
CA LEU A 121 1.87 4.31 -12.54
C LEU A 121 3.31 4.52 -12.12
N LEU A 122 3.63 4.16 -10.88
CA LEU A 122 5.01 4.20 -10.38
C LEU A 122 5.70 2.82 -10.60
N VAL A 123 6.88 2.78 -11.24
CA VAL A 123 7.64 1.51 -11.51
C VAL A 123 9.14 1.59 -11.11
N GLY A 124 9.80 0.42 -10.99
CA GLY A 124 11.22 0.34 -10.63
C GLY A 124 11.54 -0.87 -9.76
N PRO A 125 12.83 -1.13 -9.51
CA PRO A 125 13.18 -2.24 -8.64
C PRO A 125 12.95 -1.92 -7.16
N THR A 126 13.09 -2.93 -6.32
CA THR A 126 12.84 -2.73 -4.89
C THR A 126 13.84 -1.73 -4.30
N ASP A 127 13.41 -1.03 -3.25
CA ASP A 127 14.24 -0.15 -2.44
C ASP A 127 14.64 1.13 -3.17
N VAL A 128 13.65 1.78 -3.76
CA VAL A 128 13.84 3.07 -4.42
C VAL A 128 12.91 4.24 -3.91
N GLY A 129 12.08 4.00 -2.90
CA GLY A 129 11.14 5.03 -2.39
C GLY A 129 9.79 5.11 -3.08
N LYS A 130 9.41 4.05 -3.79
CA LYS A 130 8.18 4.04 -4.56
C LYS A 130 6.89 4.27 -3.71
N THR A 131 6.75 3.52 -2.63
CA THR A 131 5.59 3.69 -1.72
C THR A 131 5.48 5.11 -1.12
N THR A 132 6.62 5.65 -0.72
CA THR A 132 6.66 6.97 -0.09
C THR A 132 6.18 8.07 -1.04
N VAL A 133 6.62 7.99 -2.29
CA VAL A 133 6.21 8.94 -3.32
C VAL A 133 4.70 8.85 -3.59
N SER A 134 4.15 7.63 -3.59
N SER A 134 4.16 7.63 -3.58
CA SER A 134 2.70 7.44 -3.69
CA SER A 134 2.70 7.46 -3.72
C SER A 134 1.96 8.24 -2.60
C SER A 134 1.93 8.19 -2.60
N ARG A 135 2.44 8.13 -1.38
CA ARG A 135 1.81 8.82 -0.22
C ARG A 135 1.86 10.36 -0.29
N ILE A 136 2.99 10.88 -0.72
CA ILE A 136 3.10 12.33 -0.88
C ILE A 136 2.06 12.84 -1.91
N LEU A 137 2.02 12.18 -3.06
CA LEU A 137 1.11 12.61 -4.13
C LEU A 137 -0.39 12.56 -3.71
N CYS A 138 -0.79 11.51 -3.00
CA CYS A 138 -2.15 11.44 -2.42
C CYS A 138 -2.51 12.61 -1.45
N ASN A 139 -1.62 12.94 -0.54
CA ASN A 139 -1.87 14.02 0.42
C ASN A 139 -2.02 15.43 -0.22
N TYR A 140 -1.17 15.70 -1.20
CA TYR A 140 -1.23 16.96 -1.95
C TYR A 140 -2.59 17.12 -2.62
N SER A 141 -3.11 16.05 -3.22
CA SER A 141 -4.45 16.08 -3.81
C SER A 141 -5.55 16.47 -2.81
N VAL A 142 -5.53 15.88 -1.62
CA VAL A 142 -6.52 16.21 -0.56
C VAL A 142 -6.49 17.70 -0.09
N ARG A 143 -5.28 18.21 0.12
CA ARG A 143 -5.09 19.59 0.55
C ARG A 143 -5.58 20.58 -0.52
N GLN A 144 -5.67 20.10 -1.76
CA GLN A 144 -6.19 20.88 -2.88
C GLN A 144 -7.73 20.90 -2.88
N GLY A 145 -8.35 20.08 -2.05
CA GLY A 145 -9.79 19.97 -1.99
C GLY A 145 -10.35 18.74 -2.70
N ARG A 146 -9.45 17.92 -3.26
CA ARG A 146 -9.81 16.75 -4.09
C ARG A 146 -9.76 15.46 -3.30
N THR A 147 -10.43 14.43 -3.84
CA THR A 147 -10.44 13.11 -3.22
C THR A 147 -9.92 12.02 -4.24
N PRO A 148 -8.59 11.71 -4.26
CA PRO A 148 -8.01 10.69 -5.18
C PRO A 148 -8.19 9.22 -4.73
N ILE A 149 -8.04 8.27 -5.68
CA ILE A 149 -7.97 6.83 -5.37
C ILE A 149 -6.52 6.28 -5.41
N PHE A 150 -6.12 5.68 -4.29
CA PHE A 150 -4.80 5.02 -4.21
C PHE A 150 -4.91 3.52 -4.53
N VAL A 151 -4.10 3.02 -5.47
CA VAL A 151 -4.08 1.60 -5.88
C VAL A 151 -2.73 0.89 -5.56
N GLU A 152 -2.83 -0.22 -4.84
CA GLU A 152 -1.64 -0.97 -4.36
C GLU A 152 -1.50 -2.37 -5.02
N LEU A 153 -0.50 -2.54 -5.92
CA LEU A 153 -0.23 -3.83 -6.59
C LEU A 153 0.95 -4.67 -6.03
N ASP A 154 1.67 -4.16 -5.03
CA ASP A 154 2.78 -4.93 -4.43
C ASP A 154 2.29 -5.94 -3.39
N VAL A 155 2.14 -7.19 -3.85
CA VAL A 155 1.77 -8.32 -3.01
C VAL A 155 2.83 -8.68 -1.96
N GLY A 156 4.05 -8.17 -2.14
CA GLY A 156 5.12 -8.39 -1.17
C GLY A 156 5.15 -7.37 -0.03
N GLN A 157 4.77 -6.12 -0.30
CA GLN A 157 4.77 -5.04 0.70
CA GLN A 157 4.81 -5.02 0.67
C GLN A 157 3.60 -4.07 0.47
N ASN A 158 2.44 -4.43 1.02
CA ASN A 158 1.15 -3.73 0.80
C ASN A 158 0.81 -2.71 1.92
N SER A 159 0.49 -1.45 1.57
CA SER A 159 0.17 -0.42 2.58
C SER A 159 -1.34 -0.19 2.86
N VAL A 160 -2.21 -1.01 2.27
CA VAL A 160 -3.67 -0.88 2.41
C VAL A 160 -4.30 -2.03 3.18
N SER A 161 -3.80 -3.26 2.94
CA SER A 161 -4.33 -4.51 3.49
C SER A 161 -3.15 -5.45 3.82
N VAL A 162 -3.41 -6.76 3.97
CA VAL A 162 -2.36 -7.76 4.20
C VAL A 162 -1.47 -8.08 2.98
N PRO A 163 -0.30 -8.71 3.21
CA PRO A 163 0.49 -9.16 2.06
C PRO A 163 -0.20 -10.28 1.30
N GLY A 164 0.21 -10.46 0.07
CA GLY A 164 -0.45 -11.39 -0.84
C GLY A 164 -1.78 -10.86 -1.34
N THR A 165 -1.98 -9.54 -1.25
CA THR A 165 -3.16 -8.84 -1.82
C THR A 165 -2.82 -7.74 -2.82
N VAL A 166 -3.81 -7.47 -3.68
CA VAL A 166 -3.90 -6.28 -4.50
C VAL A 166 -5.09 -5.43 -3.94
N ALA A 167 -4.92 -4.12 -3.73
CA ALA A 167 -5.97 -3.32 -3.05
C ALA A 167 -6.06 -1.85 -3.49
N ALA A 168 -7.19 -1.19 -3.14
CA ALA A 168 -7.45 0.24 -3.44
C ALA A 168 -8.34 0.97 -2.39
N VAL A 169 -8.15 2.29 -2.27
CA VAL A 169 -8.92 3.08 -1.29
C VAL A 169 -9.11 4.56 -1.72
N LEU A 170 -10.26 5.14 -1.40
CA LEU A 170 -10.59 6.57 -1.67
C LEU A 170 -10.03 7.45 -0.56
N VAL A 171 -9.23 8.45 -0.92
CA VAL A 171 -8.54 9.28 0.05
C VAL A 171 -9.31 10.61 0.28
N GLN A 172 -9.89 10.82 1.47
CA GLN A 172 -10.70 12.06 1.77
C GLN A 172 -10.10 12.97 2.84
N LYS A 173 -9.06 12.49 3.48
CA LYS A 173 -8.33 13.23 4.49
C LYS A 173 -6.86 12.88 4.34
N THR A 174 -6.01 13.81 4.76
CA THR A 174 -4.57 13.59 4.66
C THR A 174 -4.20 12.39 5.57
N ALA A 175 -3.18 11.64 5.16
CA ALA A 175 -2.64 10.58 6.01
C ALA A 175 -2.39 11.05 7.43
N ASP A 176 -2.68 10.18 8.39
CA ASP A 176 -2.20 10.40 9.73
C ASP A 176 -0.68 10.25 9.68
N VAL A 177 0.03 11.11 10.39
CA VAL A 177 1.49 11.15 10.32
C VAL A 177 2.10 9.81 10.74
N ILE A 178 1.60 9.24 11.83
CA ILE A 178 2.11 7.95 12.31
C ILE A 178 1.47 6.78 11.58
N ASP A 179 0.15 6.82 11.42
CA ASP A 179 -0.58 5.65 10.93
C ASP A 179 -0.83 5.55 9.43
N GLY A 180 -0.56 6.61 8.68
CA GLY A 180 -0.83 6.57 7.23
C GLY A 180 -2.31 6.81 6.96
N PHE A 181 -2.75 6.39 5.78
CA PHE A 181 -4.11 6.68 5.34
C PHE A 181 -5.15 5.86 6.09
N GLU A 182 -6.31 6.49 6.37
CA GLU A 182 -7.46 5.80 6.93
C GLU A 182 -7.89 4.67 5.99
N ARG A 183 -7.98 3.46 6.54
CA ARG A 183 -8.37 2.32 5.74
C ARG A 183 -9.89 2.19 5.84
N ASN A 184 -10.59 3.21 5.35
CA ASN A 184 -12.04 3.26 5.49
C ASN A 184 -12.70 2.69 4.24
N GLN A 185 -13.13 1.44 4.35
CA GLN A 185 -13.81 0.74 3.28
C GLN A 185 -12.97 0.62 1.99
N PRO A 186 -11.83 -0.10 2.03
CA PRO A 186 -11.04 -0.38 0.83
C PRO A 186 -11.67 -1.46 -0.03
N ILE A 187 -11.19 -1.58 -1.28
CA ILE A 187 -11.49 -2.71 -2.15
C ILE A 187 -10.25 -3.63 -2.20
N VAL A 188 -10.42 -4.93 -1.91
CA VAL A 188 -9.28 -5.85 -1.72
C VAL A 188 -9.46 -7.21 -2.41
N PHE A 189 -8.43 -7.69 -3.13
CA PHE A 189 -8.36 -9.04 -3.76
C PHE A 189 -7.18 -9.88 -3.23
N ASN A 190 -7.42 -11.17 -2.97
CA ASN A 190 -6.39 -12.12 -2.48
C ASN A 190 -5.57 -12.90 -3.56
N PHE A 191 -4.28 -12.59 -3.70
CA PHE A 191 -3.37 -13.36 -4.61
C PHE A 191 -2.75 -14.61 -3.93
N GLY A 192 -2.38 -14.49 -2.66
CA GLY A 192 -1.99 -15.67 -1.88
C GLY A 192 -0.53 -16.11 -1.91
N HIS A 193 0.32 -15.28 -2.52
CA HIS A 193 1.78 -15.49 -2.50
C HIS A 193 2.47 -14.15 -2.36
N THR A 194 3.72 -14.17 -1.91
CA THR A 194 4.51 -12.93 -1.77
C THR A 194 5.20 -12.48 -3.06
N SER A 195 5.34 -13.37 -4.03
CA SER A 195 6.02 -13.06 -5.30
C SER A 195 5.12 -13.41 -6.50
N PRO A 196 4.90 -12.46 -7.43
CA PRO A 196 4.22 -12.77 -8.70
C PRO A 196 4.75 -14.01 -9.44
N SER A 197 6.04 -14.33 -9.29
CA SER A 197 6.63 -15.49 -9.99
C SER A 197 6.10 -16.85 -9.51
N ALA A 198 5.48 -16.90 -8.34
CA ALA A 198 4.84 -18.13 -7.89
C ALA A 198 3.67 -18.53 -8.79
N ASN A 199 2.95 -17.54 -9.35
CA ASN A 199 1.85 -17.81 -10.29
C ASN A 199 1.59 -16.60 -11.16
N LEU A 200 2.34 -16.51 -12.25
CA LEU A 200 2.37 -15.33 -13.09
C LEU A 200 1.01 -15.01 -13.73
N SER A 201 0.34 -16.03 -14.25
CA SER A 201 -0.93 -15.79 -14.91
C SER A 201 -2.05 -15.35 -13.95
N LEU A 202 -2.03 -15.83 -12.71
CA LEU A 202 -3.01 -15.36 -11.69
C LEU A 202 -2.79 -13.90 -11.30
N TYR A 203 -1.52 -13.52 -11.15
CA TYR A 203 -1.18 -12.16 -10.76
C TYR A 203 -1.79 -11.17 -11.75
N GLU A 204 -1.54 -11.43 -13.04
CA GLU A 204 -2.03 -10.60 -14.13
C GLU A 204 -3.56 -10.52 -14.18
N ALA A 205 -4.22 -11.65 -13.97
CA ALA A 205 -5.69 -11.68 -13.91
C ALA A 205 -6.28 -10.78 -12.78
N LEU A 206 -5.65 -10.78 -11.61
CA LEU A 206 -6.17 -9.96 -10.49
C LEU A 206 -6.05 -8.44 -10.70
N PHE A 207 -4.94 -7.94 -11.22
CA PHE A 207 -4.84 -6.50 -11.36
C PHE A 207 -5.75 -5.99 -12.48
N LYS A 208 -6.05 -6.86 -13.44
CA LYS A 208 -7.04 -6.54 -14.45
C LYS A 208 -8.44 -6.39 -13.86
N GLU A 209 -8.82 -7.29 -12.96
CA GLU A 209 -10.13 -7.19 -12.30
C GLU A 209 -10.29 -5.94 -11.40
N MET A 210 -9.20 -5.55 -10.76
CA MET A 210 -9.16 -4.33 -9.96
C MET A 210 -9.51 -3.10 -10.81
N ALA A 211 -8.80 -2.94 -11.93
CA ALA A 211 -9.06 -1.85 -12.89
C ALA A 211 -10.52 -1.77 -13.35
N THR A 212 -11.10 -2.92 -13.68
CA THR A 212 -12.50 -3.00 -14.09
C THR A 212 -13.47 -2.53 -13.00
N THR A 213 -13.19 -2.91 -11.76
CA THR A 213 -14.07 -2.60 -10.63
C THR A 213 -14.09 -1.10 -10.34
N LEU A 214 -12.90 -0.49 -10.33
CA LEU A 214 -12.76 0.95 -10.01
C LEU A 214 -13.43 1.83 -11.08
N ASN A 215 -13.30 1.44 -12.34
CA ASN A 215 -13.94 2.15 -13.43
C ASN A 215 -15.46 2.25 -13.28
N ALA A 216 -16.09 1.21 -12.71
CA ALA A 216 -17.53 1.24 -12.44
C ALA A 216 -17.90 2.10 -11.20
N GLN A 217 -17.11 2.02 -10.12
CA GLN A 217 -17.36 2.82 -8.89
C GLN A 217 -17.41 4.33 -9.15
N ILE A 218 -16.47 4.83 -9.95
CA ILE A 218 -16.32 6.28 -10.15
C ILE A 218 -17.47 6.89 -10.97
N GLN A 219 -18.20 6.06 -11.70
CA GLN A 219 -19.41 6.50 -12.40
C GLN A 219 -20.51 7.01 -11.44
N GLU A 220 -20.41 6.66 -10.16
CA GLU A 220 -21.43 7.02 -9.17
C GLU A 220 -20.97 8.09 -8.16
N ASN A 221 -19.78 8.66 -8.41
CA ASN A 221 -19.17 9.63 -7.49
C ASN A 221 -18.35 10.59 -8.31
N ASP A 222 -18.90 11.79 -8.54
CA ASP A 222 -18.23 12.78 -9.38
C ASP A 222 -16.91 13.22 -8.79
N GLU A 223 -16.91 13.40 -7.46
CA GLU A 223 -15.70 13.81 -6.75
C GLU A 223 -14.56 12.77 -6.84
N ALA A 224 -14.86 11.48 -6.70
CA ALA A 224 -13.81 10.44 -6.87
C ALA A 224 -13.34 10.30 -8.31
N LYS A 225 -14.25 10.48 -9.27
CA LYS A 225 -13.89 10.36 -10.68
C LYS A 225 -12.82 11.37 -11.06
N ILE A 226 -13.05 12.63 -10.69
CA ILE A 226 -12.13 13.71 -10.98
C ILE A 226 -10.89 13.65 -10.06
N GLY A 227 -11.02 13.02 -8.90
CA GLY A 227 -9.86 12.70 -8.09
C GLY A 227 -8.71 11.98 -8.79
N GLY A 228 -9.02 11.02 -9.66
CA GLY A 228 -7.96 10.24 -10.35
C GLY A 228 -7.35 9.10 -9.52
N MET A 229 -6.20 8.56 -9.98
CA MET A 229 -5.53 7.40 -9.35
C MET A 229 -4.01 7.52 -9.24
N ILE A 230 -3.48 7.06 -8.11
CA ILE A 230 -2.04 6.87 -7.91
C ILE A 230 -1.77 5.37 -7.63
N ILE A 231 -0.91 4.71 -8.46
CA ILE A 231 -0.73 3.24 -8.51
C ILE A 231 0.74 2.78 -8.21
N ASN A 232 0.89 2.01 -7.13
CA ASN A 232 2.17 1.44 -6.70
C ASN A 232 2.36 0.00 -7.26
N THR A 233 3.50 -0.28 -7.94
CA THR A 233 3.84 -1.67 -8.44
C THR A 233 4.85 -2.45 -7.59
N CYS A 234 5.00 -3.76 -7.86
CA CYS A 234 6.08 -4.58 -7.27
C CYS A 234 7.47 -4.29 -7.89
N GLY A 235 8.54 -4.85 -7.31
CA GLY A 235 9.92 -4.64 -7.78
C GLY A 235 10.51 -5.60 -8.84
N TRP A 236 9.70 -6.49 -9.39
CA TRP A 236 10.19 -7.47 -10.41
C TRP A 236 10.29 -6.78 -11.75
N VAL A 237 11.52 -6.50 -12.19
CA VAL A 237 11.75 -5.76 -13.45
C VAL A 237 12.46 -6.59 -14.56
N ASP A 238 13.06 -7.75 -14.23
CA ASP A 238 13.78 -8.62 -15.19
C ASP A 238 12.89 -9.72 -15.78
N GLY A 239 13.28 -10.24 -16.94
CA GLY A 239 12.61 -11.40 -17.53
C GLY A 239 11.10 -11.22 -17.61
N GLU A 240 10.35 -12.16 -17.03
CA GLU A 240 8.88 -12.06 -16.98
C GLU A 240 8.30 -10.87 -16.19
N GLY A 241 9.08 -10.26 -15.29
CA GLY A 241 8.63 -9.07 -14.54
C GLY A 241 8.44 -7.84 -15.41
N TYR A 242 9.30 -7.72 -16.42
CA TYR A 242 9.21 -6.65 -17.40
C TYR A 242 7.85 -6.66 -18.11
N LYS A 243 7.49 -7.80 -18.67
CA LYS A 243 6.18 -7.99 -19.32
C LYS A 243 4.97 -7.67 -18.43
N CYS A 244 5.11 -7.92 -17.13
N CYS A 244 5.07 -7.91 -17.12
CA CYS A 244 4.10 -7.55 -16.15
CA CYS A 244 4.01 -7.52 -16.16
C CYS A 244 3.84 -6.05 -16.05
C CYS A 244 3.82 -6.02 -16.00
N ILE A 245 4.91 -5.25 -16.08
CA ILE A 245 4.82 -3.79 -16.04
C ILE A 245 4.01 -3.22 -17.22
N VAL A 246 4.31 -3.75 -18.41
CA VAL A 246 3.68 -3.31 -19.65
C VAL A 246 2.19 -3.59 -19.56
N LYS A 247 1.85 -4.80 -19.09
CA LYS A 247 0.45 -5.22 -18.92
C LYS A 247 -0.35 -4.39 -17.91
N ALA A 248 0.26 -3.98 -16.77
CA ALA A 248 -0.43 -3.08 -15.80
C ALA A 248 -0.71 -1.66 -16.34
N ALA A 249 0.20 -1.16 -17.17
CA ALA A 249 0.06 0.15 -17.78
C ALA A 249 -1.15 0.19 -18.72
N SER A 250 -1.35 -0.88 -19.48
N SER A 250 -1.33 -0.89 -19.49
CA SER A 250 -2.50 -0.97 -20.39
CA SER A 250 -2.48 -1.02 -20.39
C SER A 250 -3.82 -1.21 -19.65
C SER A 250 -3.79 -1.16 -19.60
N ALA A 251 -3.79 -2.08 -18.63
CA ALA A 251 -5.01 -2.40 -17.85
C ALA A 251 -5.64 -1.20 -17.07
N PHE A 252 -4.81 -0.32 -16.52
CA PHE A 252 -5.32 0.86 -15.80
C PHE A 252 -5.40 2.12 -16.66
N GLU A 253 -5.12 1.99 -17.97
CA GLU A 253 -5.19 3.12 -18.89
C GLU A 253 -4.47 4.33 -18.34
N VAL A 254 -3.21 4.11 -17.94
CA VAL A 254 -2.46 5.17 -17.26
C VAL A 254 -2.05 6.25 -18.27
N ASP A 255 -2.05 7.49 -17.79
CA ASP A 255 -1.65 8.68 -18.51
C ASP A 255 -0.16 8.94 -18.31
N VAL A 256 0.37 8.50 -17.17
CA VAL A 256 1.73 8.84 -16.74
C VAL A 256 2.41 7.62 -16.10
N VAL A 257 3.64 7.34 -16.52
CA VAL A 257 4.49 6.30 -15.88
C VAL A 257 5.73 6.97 -15.27
N ILE A 258 5.89 6.85 -13.95
CA ILE A 258 7.08 7.34 -13.26
C ILE A 258 8.05 6.15 -12.99
N VAL A 259 9.25 6.18 -13.58
CA VAL A 259 10.30 5.17 -13.36
C VAL A 259 11.31 5.71 -12.35
N LEU A 260 11.49 5.01 -11.23
CA LEU A 260 12.47 5.39 -10.22
CA LEU A 260 12.46 5.38 -10.20
C LEU A 260 13.74 4.53 -10.32
N ASP A 261 14.87 5.17 -10.66
CA ASP A 261 16.20 4.55 -10.61
C ASP A 261 16.43 3.22 -11.38
N HIS A 262 16.11 3.19 -12.66
CA HIS A 262 16.48 2.05 -13.52
C HIS A 262 16.54 2.51 -14.98
N GLU A 263 17.74 2.78 -15.46
CA GLU A 263 17.92 3.36 -16.80
C GLU A 263 17.62 2.36 -17.91
N ARG A 264 18.08 1.11 -17.79
CA ARG A 264 17.77 0.11 -18.83
C ARG A 264 16.26 -0.08 -18.95
N LEU A 265 15.56 -0.08 -17.81
CA LEU A 265 14.10 -0.23 -17.79
C LEU A 265 13.37 0.96 -18.45
N TYR A 266 13.78 2.18 -18.11
CA TYR A 266 13.25 3.38 -18.75
C TYR A 266 13.47 3.34 -20.26
N SER A 267 14.66 2.89 -20.68
CA SER A 267 15.06 2.80 -22.09
C SER A 267 14.23 1.77 -22.85
N ASP A 268 14.08 0.59 -22.25
CA ASP A 268 13.24 -0.48 -22.80
C ASP A 268 11.75 -0.05 -22.86
N LEU A 269 11.23 0.59 -21.81
CA LEU A 269 9.82 1.03 -21.82
C LEU A 269 9.51 2.17 -22.79
N SER A 270 10.47 3.06 -23.01
CA SER A 270 10.28 4.14 -23.98
C SER A 270 10.03 3.58 -25.38
N LYS A 271 10.59 2.41 -25.68
CA LYS A 271 10.44 1.78 -26.99
C LYS A 271 9.18 0.90 -27.12
N GLU A 272 8.45 0.66 -26.02
CA GLU A 272 7.29 -0.24 -26.07
C GLU A 272 5.96 0.43 -25.72
N LEU A 273 5.97 1.39 -24.79
CA LEU A 273 4.74 2.09 -24.37
C LEU A 273 4.09 2.89 -25.50
N PRO A 274 2.75 3.06 -25.47
CA PRO A 274 2.12 3.93 -26.47
C PRO A 274 2.64 5.35 -26.33
N GLU A 275 2.66 6.11 -27.41
CA GLU A 275 3.32 7.43 -27.41
C GLU A 275 2.65 8.48 -26.53
N PHE A 276 1.34 8.36 -26.29
CA PHE A 276 0.62 9.37 -25.49
C PHE A 276 0.95 9.28 -23.99
N VAL A 277 1.43 8.12 -23.53
CA VAL A 277 1.78 7.94 -22.12
C VAL A 277 3.03 8.77 -21.80
N ARG A 278 2.93 9.68 -20.84
CA ARG A 278 4.09 10.47 -20.42
C ARG A 278 4.99 9.65 -19.48
N LEU A 279 6.22 9.41 -19.89
CA LEU A 279 7.19 8.61 -19.16
C LEU A 279 8.25 9.51 -18.56
N THR A 280 8.37 9.47 -17.23
CA THR A 280 9.34 10.29 -16.52
C THR A 280 10.28 9.43 -15.68
N HIS A 281 11.60 9.58 -15.89
CA HIS A 281 12.59 8.97 -15.01
C HIS A 281 12.94 9.92 -13.87
N VAL A 282 12.85 9.42 -12.65
CA VAL A 282 13.21 10.22 -11.46
C VAL A 282 14.22 9.43 -10.61
N PRO A 283 15.10 10.13 -9.90
CA PRO A 283 16.07 9.43 -9.07
C PRO A 283 15.42 8.98 -7.75
N LYS A 284 16.02 7.99 -7.09
CA LYS A 284 15.59 7.70 -5.71
C LYS A 284 16.15 8.77 -4.80
N SER A 285 15.40 9.12 -3.76
CA SER A 285 15.93 9.96 -2.69
C SER A 285 17.19 9.34 -2.08
N GLY A 286 18.17 10.18 -1.80
CA GLY A 286 19.31 9.82 -0.99
C GLY A 286 18.93 9.25 0.36
N GLY A 287 17.70 9.53 0.85
CA GLY A 287 17.22 8.96 2.11
C GLY A 287 16.75 7.50 2.08
N VAL A 288 16.67 6.88 0.90
CA VAL A 288 16.22 5.48 0.81
C VAL A 288 17.42 4.50 1.03
N GLU A 289 17.26 3.56 1.96
CA GLU A 289 18.30 2.54 2.27
C GLU A 289 17.98 1.15 1.66
N GLN A 290 19.02 0.40 1.28
CA GLN A 290 18.82 -0.96 0.76
CA GLN A 290 18.87 -0.97 0.77
C GLN A 290 18.39 -1.93 1.88
N ARG A 291 17.32 -2.68 1.62
CA ARG A 291 16.78 -3.69 2.56
C ARG A 291 17.21 -5.10 2.10
N THR A 292 17.17 -6.06 3.02
CA THR A 292 17.58 -7.44 2.73
C THR A 292 16.37 -8.38 2.69
N GLY A 293 16.62 -9.66 2.39
CA GLY A 293 15.55 -10.65 2.33
C GLY A 293 14.79 -10.79 3.65
N GLN A 294 15.54 -10.83 4.74
CA GLN A 294 14.98 -10.96 6.10
C GLN A 294 14.18 -9.75 6.58
N ILE A 295 14.54 -8.55 6.11
CA ILE A 295 13.85 -7.32 6.52
C ILE A 295 12.43 -7.26 5.92
N ARG A 296 12.30 -7.56 4.62
CA ARG A 296 10.98 -7.57 3.95
C ARG A 296 10.04 -8.61 4.54
N SER A 297 10.57 -9.82 4.73
CA SER A 297 9.85 -10.91 5.38
C SER A 297 9.38 -10.51 6.80
N LYS A 298 10.25 -9.82 7.54
CA LYS A 298 9.91 -9.32 8.88
C LYS A 298 8.80 -8.28 8.82
N MET A 299 8.90 -7.34 7.89
CA MET A 299 7.87 -6.31 7.73
C MET A 299 6.51 -6.86 7.29
N ARG A 300 6.52 -7.96 6.54
CA ARG A 300 5.26 -8.63 6.17
C ARG A 300 4.52 -9.09 7.42
N GLY A 301 5.24 -9.71 8.36
CA GLY A 301 4.66 -10.10 9.65
C GLY A 301 4.02 -8.93 10.39
N GLU A 302 4.69 -7.78 10.40
CA GLU A 302 4.21 -6.62 11.14
C GLU A 302 2.93 -6.02 10.51
N ASN A 303 2.84 -6.06 9.19
CA ASN A 303 1.61 -5.61 8.52
C ASN A 303 0.40 -6.49 8.88
N VAL A 304 0.60 -7.81 8.91
CA VAL A 304 -0.43 -8.74 9.35
C VAL A 304 -0.92 -8.39 10.76
N HIS A 305 0.01 -8.12 11.67
CA HIS A 305 -0.36 -7.75 13.04
C HIS A 305 -1.24 -6.50 13.08
N ARG A 306 -0.90 -5.48 12.29
CA ARG A 306 -1.67 -4.25 12.27
C ARG A 306 -3.10 -4.44 11.80
N TYR A 307 -3.28 -5.26 10.76
CA TYR A 307 -4.60 -5.53 10.22
C TYR A 307 -5.60 -5.86 11.32
N PHE A 308 -5.21 -6.73 12.25
CA PHE A 308 -6.11 -7.18 13.29
C PHE A 308 -6.14 -6.27 14.51
N TYR A 309 -4.99 -5.72 14.89
CA TYR A 309 -4.87 -5.04 16.19
C TYR A 309 -4.82 -3.51 16.09
N GLY A 310 -4.74 -3.00 14.87
CA GLY A 310 -4.72 -1.57 14.64
C GLY A 310 -3.41 -0.96 15.05
N THR A 311 -3.48 0.25 15.61
CA THR A 311 -2.31 1.07 15.91
C THR A 311 -2.37 1.58 17.34
N ARG A 312 -1.32 2.27 17.77
CA ARG A 312 -1.28 2.88 19.12
C ARG A 312 -2.31 4.00 19.33
N ALA A 313 -2.39 4.89 18.35
CA ALA A 313 -3.38 5.98 18.32
C ALA A 313 -4.83 5.46 18.24
N ASN A 314 -5.11 4.61 17.25
CA ASN A 314 -6.43 4.01 17.10
C ASN A 314 -6.38 2.49 17.21
N ASN A 315 -6.56 2.00 18.43
CA ASN A 315 -6.52 0.57 18.71
C ASN A 315 -7.76 -0.10 18.13
N LEU A 316 -7.54 -1.23 17.47
CA LEU A 316 -8.64 -2.09 17.07
C LEU A 316 -8.68 -3.20 18.08
N TYR A 317 -9.88 -3.72 18.36
CA TYR A 317 -10.05 -4.77 19.36
C TYR A 317 -10.62 -6.01 18.68
N PRO A 318 -9.72 -6.88 18.17
CA PRO A 318 -10.13 -8.04 17.39
C PRO A 318 -10.72 -9.16 18.25
N PHE A 319 -11.54 -10.00 17.63
CA PHE A 319 -12.21 -11.08 18.33
C PHE A 319 -11.52 -12.42 18.02
N THR A 320 -11.40 -13.28 19.03
CA THR A 320 -10.90 -14.63 18.84
C THR A 320 -12.05 -15.58 19.19
N PHE A 321 -12.47 -16.36 18.20
CA PHE A 321 -13.52 -17.34 18.40
C PHE A 321 -13.35 -18.56 17.49
N ASP A 322 -14.08 -19.62 17.82
CA ASP A 322 -14.01 -20.90 17.12
C ASP A 322 -15.06 -20.97 16.02
N VAL A 323 -14.73 -21.71 14.96
CA VAL A 323 -15.61 -21.89 13.80
C VAL A 323 -15.59 -23.37 13.43
N SER A 324 -16.76 -23.98 13.26
CA SER A 324 -16.85 -25.37 12.82
CA SER A 324 -16.83 -25.38 12.83
C SER A 324 -16.55 -25.48 11.33
N PHE A 325 -15.87 -26.56 10.92
CA PHE A 325 -15.58 -26.81 9.50
C PHE A 325 -16.86 -27.09 8.70
N ASP A 326 -17.95 -27.37 9.39
CA ASP A 326 -19.25 -27.54 8.75
C ASP A 326 -19.89 -26.19 8.40
N ASP A 327 -19.43 -25.12 9.03
CA ASP A 327 -20.01 -23.80 8.79
C ASP A 327 -19.27 -22.97 7.72
N VAL A 328 -18.14 -23.50 7.22
CA VAL A 328 -17.33 -22.84 6.18
C VAL A 328 -16.79 -23.83 5.12
N THR A 329 -16.39 -23.28 3.97
CA THR A 329 -15.72 -24.03 2.89
C THR A 329 -14.33 -23.44 2.66
N LEU A 330 -13.29 -24.28 2.77
CA LEU A 330 -11.89 -23.86 2.50
C LEU A 330 -11.52 -24.22 1.07
N CYS A 331 -10.82 -23.32 0.39
CA CYS A 331 -10.37 -23.55 -0.98
C CYS A 331 -9.06 -22.84 -1.31
N LYS A 332 -8.39 -23.32 -2.37
CA LYS A 332 -7.07 -22.85 -2.79
C LYS A 332 -7.05 -22.65 -4.30
N ILE A 333 -6.45 -21.55 -4.75
CA ILE A 333 -6.28 -21.29 -6.18
C ILE A 333 -4.91 -21.79 -6.61
N GLY A 334 -4.90 -22.74 -7.56
CA GLY A 334 -3.65 -23.29 -8.08
C GLY A 334 -3.34 -24.65 -7.49
N HIS A 352 -4.64 -25.72 -13.91
CA HIS A 352 -3.45 -26.05 -13.14
C HIS A 352 -2.93 -24.83 -12.38
N GLU A 353 -2.83 -23.70 -13.09
CA GLU A 353 -2.23 -22.48 -12.55
C GLU A 353 -3.30 -21.58 -11.92
N THR A 354 -4.46 -21.49 -12.55
CA THR A 354 -5.58 -20.68 -12.04
C THR A 354 -6.89 -21.48 -11.95
N LYS A 355 -6.83 -22.68 -11.38
CA LYS A 355 -8.05 -23.45 -11.09
C LYS A 355 -8.31 -23.47 -9.58
N LEU A 356 -9.58 -23.55 -9.18
CA LEU A 356 -9.94 -23.65 -7.77
C LEU A 356 -9.91 -25.10 -7.31
N VAL A 357 -9.30 -25.33 -6.15
CA VAL A 357 -9.18 -26.65 -5.56
C VAL A 357 -9.77 -26.59 -4.16
N ILE A 358 -10.67 -27.51 -3.84
CA ILE A 358 -11.26 -27.56 -2.50
C ILE A 358 -10.29 -28.26 -1.56
N MET A 359 -10.02 -27.64 -0.41
CA MET A 359 -9.12 -28.21 0.58
C MET A 359 -9.88 -28.96 1.67
N GLU A 360 -9.36 -30.14 2.03
CA GLU A 360 -9.80 -30.85 3.22
C GLU A 360 -8.98 -30.26 4.35
N PRO A 361 -9.63 -29.85 5.45
CA PRO A 361 -8.79 -29.31 6.52
C PRO A 361 -7.72 -30.32 6.96
N SER A 362 -6.50 -29.81 7.14
CA SER A 362 -5.34 -30.62 7.52
CA SER A 362 -5.36 -30.62 7.52
C SER A 362 -4.50 -29.83 8.50
N ALA A 363 -3.47 -30.47 9.05
CA ALA A 363 -2.54 -29.79 9.94
C ALA A 363 -1.79 -28.68 9.17
N ASP A 364 -1.70 -28.84 7.85
CA ASP A 364 -0.96 -27.90 7.00
C ASP A 364 -1.56 -26.50 6.79
N ILE A 365 -2.84 -26.27 7.14
CA ILE A 365 -3.43 -24.91 7.03
C ILE A 365 -3.12 -24.02 8.25
N LYS A 366 -2.66 -24.63 9.33
CA LYS A 366 -2.30 -23.91 10.55
C LYS A 366 -1.32 -22.76 10.25
N HIS A 367 -1.60 -21.59 10.81
CA HIS A 367 -0.77 -20.37 10.68
C HIS A 367 -0.98 -19.59 9.39
N HIS A 368 -1.87 -20.06 8.53
CA HIS A 368 -2.13 -19.40 7.24
C HIS A 368 -3.24 -18.35 7.35
N LEU A 369 -3.12 -17.27 6.58
CA LEU A 369 -4.26 -16.36 6.39
C LEU A 369 -5.27 -16.98 5.45
N PHE A 370 -6.53 -16.61 5.64
CA PHE A 370 -7.62 -16.94 4.74
C PHE A 370 -8.50 -15.71 4.53
N ALA A 371 -8.94 -15.48 3.30
CA ALA A 371 -9.81 -14.35 2.95
C ALA A 371 -11.27 -14.74 2.99
N PHE A 372 -12.12 -13.82 3.50
CA PHE A 372 -13.59 -13.96 3.44
C PHE A 372 -14.07 -13.45 2.10
N SER A 373 -14.39 -14.35 1.19
CA SER A 373 -14.77 -13.94 -0.16
C SER A 373 -16.14 -13.27 -0.15
N ARG A 374 -16.34 -12.30 -1.03
CA ARG A 374 -17.67 -11.71 -1.24
C ARG A 374 -18.55 -12.62 -2.07
N SER A 375 -17.96 -13.62 -2.72
CA SER A 375 -18.74 -14.64 -3.41
CA SER A 375 -18.73 -14.65 -3.41
C SER A 375 -19.42 -15.53 -2.37
N THR A 376 -20.70 -15.82 -2.57
CA THR A 376 -21.46 -16.64 -1.62
C THR A 376 -21.21 -18.15 -1.81
N LYS A 377 -20.58 -18.54 -2.91
CA LYS A 377 -20.25 -19.94 -3.16
C LYS A 377 -18.78 -20.12 -3.57
N ALA A 378 -18.27 -21.34 -3.42
CA ALA A 378 -16.90 -21.68 -3.80
C ALA A 378 -16.79 -21.98 -5.30
N ASP A 379 -16.99 -20.94 -6.12
CA ASP A 379 -17.09 -21.05 -7.58
C ASP A 379 -15.84 -20.60 -8.32
N GLU A 380 -15.93 -20.63 -9.64
CA GLU A 380 -15.03 -19.88 -10.52
C GLU A 380 -15.06 -18.38 -10.20
N ASN A 381 -16.17 -17.91 -9.62
CA ASN A 381 -16.30 -16.52 -9.16
C ASN A 381 -15.44 -16.16 -7.95
N VAL A 382 -14.94 -17.18 -7.24
CA VAL A 382 -14.03 -16.94 -6.12
C VAL A 382 -12.76 -16.24 -6.63
N LEU A 383 -12.22 -16.78 -7.73
CA LEU A 383 -11.05 -16.27 -8.43
C LEU A 383 -10.99 -14.73 -8.55
N LYS A 384 -12.11 -14.11 -8.94
CA LYS A 384 -12.17 -12.67 -9.26
C LYS A 384 -13.07 -11.82 -8.34
N SER A 385 -13.53 -12.37 -7.21
CA SER A 385 -14.35 -11.61 -6.28
C SER A 385 -13.47 -10.91 -5.26
N PRO A 386 -13.77 -9.64 -4.93
CA PRO A 386 -13.04 -9.05 -3.80
C PRO A 386 -13.43 -9.72 -2.49
N VAL A 387 -12.79 -9.30 -1.40
CA VAL A 387 -12.98 -9.90 -0.08
C VAL A 387 -13.53 -8.87 0.93
N PHE A 388 -14.21 -9.35 1.97
CA PHE A 388 -14.70 -8.51 3.06
C PHE A 388 -13.55 -8.14 3.97
N GLY A 389 -12.59 -9.05 4.05
CA GLY A 389 -11.44 -8.95 4.94
C GLY A 389 -10.83 -10.33 5.17
N PHE A 390 -10.02 -10.44 6.22
CA PHE A 390 -9.24 -11.67 6.46
C PHE A 390 -9.42 -12.17 7.87
N CYS A 391 -9.02 -13.43 8.06
CA CYS A 391 -8.75 -14.01 9.39
C CYS A 391 -7.43 -14.81 9.36
N LEU A 392 -6.97 -15.18 10.54
CA LEU A 392 -5.77 -15.99 10.69
C LEU A 392 -6.16 -17.27 11.42
N VAL A 393 -5.74 -18.41 10.88
CA VAL A 393 -5.98 -19.70 11.53
C VAL A 393 -4.89 -19.94 12.57
N THR A 394 -5.27 -19.87 13.84
CA THR A 394 -4.34 -19.99 14.95
C THR A 394 -4.24 -21.43 15.45
N GLU A 395 -5.35 -22.18 15.35
CA GLU A 395 -5.41 -23.56 15.81
C GLU A 395 -6.25 -24.42 14.86
N VAL A 396 -5.89 -25.70 14.77
CA VAL A 396 -6.68 -26.68 14.03
C VAL A 396 -6.94 -27.91 14.91
N ASP A 397 -8.22 -28.18 15.20
CA ASP A 397 -8.62 -29.34 16.00
C ASP A 397 -9.29 -30.34 15.06
N LEU A 398 -8.49 -31.28 14.57
CA LEU A 398 -8.97 -32.25 13.58
C LEU A 398 -10.01 -33.21 14.17
N GLU A 399 -9.94 -33.46 15.47
CA GLU A 399 -10.88 -34.38 16.13
C GLU A 399 -12.22 -33.71 16.44
N LYS A 400 -12.18 -32.48 16.94
CA LYS A 400 -13.40 -31.70 17.21
C LYS A 400 -13.96 -31.01 15.95
N ARG A 401 -13.21 -31.06 14.85
CA ARG A 401 -13.62 -30.43 13.57
C ARG A 401 -13.87 -28.92 13.70
N THR A 402 -13.00 -28.24 14.44
CA THR A 402 -13.05 -26.78 14.55
C THR A 402 -11.67 -26.19 14.39
N MET A 403 -11.64 -24.89 14.10
CA MET A 403 -10.42 -24.11 14.07
C MET A 403 -10.66 -22.80 14.81
N SER A 404 -9.61 -22.27 15.43
CA SER A 404 -9.68 -20.97 16.07
C SER A 404 -9.17 -19.94 15.08
N ILE A 405 -9.86 -18.81 15.01
CA ILE A 405 -9.45 -17.70 14.15
C ILE A 405 -9.42 -16.38 14.90
N LEU A 406 -8.57 -15.49 14.40
CA LEU A 406 -8.58 -14.09 14.80
C LEU A 406 -9.32 -13.32 13.72
N CYS A 407 -10.23 -12.43 14.14
CA CYS A 407 -11.19 -11.78 13.23
C CYS A 407 -11.51 -10.33 13.66
N PRO A 408 -11.56 -9.38 12.70
CA PRO A 408 -11.83 -7.98 13.06
C PRO A 408 -13.25 -7.69 13.58
N GLN A 409 -14.21 -8.56 13.25
CA GLN A 409 -15.58 -8.40 13.73
C GLN A 409 -16.14 -9.64 14.43
N ARG A 410 -17.25 -9.43 15.13
CA ARG A 410 -17.83 -10.39 16.07
C ARG A 410 -18.25 -11.72 15.45
N THR A 411 -18.88 -11.67 14.28
CA THR A 411 -19.21 -12.87 13.52
C THR A 411 -18.52 -12.78 12.16
N ILE A 412 -18.38 -13.91 11.49
CA ILE A 412 -17.77 -13.94 10.16
C ILE A 412 -18.68 -13.27 9.12
N PRO A 413 -18.10 -12.39 8.27
CA PRO A 413 -18.89 -11.76 7.21
C PRO A 413 -19.17 -12.67 6.02
N SER A 414 -18.44 -13.79 5.90
CA SER A 414 -18.67 -14.74 4.82
C SER A 414 -18.33 -16.17 5.21
N LYS A 415 -18.92 -17.13 4.49
CA LYS A 415 -18.71 -18.55 4.74
C LYS A 415 -17.70 -19.20 3.79
N VAL A 416 -17.19 -18.45 2.81
CA VAL A 416 -16.22 -19.00 1.84
C VAL A 416 -14.85 -18.42 2.15
N LEU A 417 -13.95 -19.27 2.63
CA LEU A 417 -12.60 -18.88 3.07
C LEU A 417 -11.56 -19.32 2.03
N VAL A 418 -10.72 -18.38 1.57
CA VAL A 418 -9.76 -18.63 0.49
C VAL A 418 -8.30 -18.63 0.96
N PHE A 419 -7.58 -19.71 0.64
CA PHE A 419 -6.21 -19.98 1.13
C PHE A 419 -5.20 -18.93 0.68
N SER A 420 -4.31 -18.53 1.59
CA SER A 420 -3.12 -17.80 1.24
C SER A 420 -1.92 -18.59 1.74
N ASP A 421 -0.83 -18.60 0.96
CA ASP A 421 0.42 -19.27 1.35
C ASP A 421 1.20 -18.43 2.36
N ILE A 422 0.74 -17.20 2.63
CA ILE A 422 1.31 -16.36 3.68
C ILE A 422 0.95 -16.93 5.05
N THR A 423 1.97 -17.13 5.88
CA THR A 423 1.80 -17.62 7.24
C THR A 423 2.26 -16.58 8.25
N HIS A 424 1.64 -16.59 9.43
CA HIS A 424 1.97 -15.65 10.51
C HIS A 424 1.84 -16.38 11.84
N LEU A 425 2.92 -16.35 12.62
CA LEU A 425 2.91 -16.86 13.99
C LEU A 425 2.55 -15.69 14.92
N ASP A 426 1.37 -15.76 15.52
CA ASP A 426 0.85 -14.68 16.38
C ASP A 426 0.98 -15.05 17.85
PB ADP B . 10.10 0.99 -1.98
O1B ADP B . 10.67 -0.36 -1.59
O2B ADP B . 8.61 1.11 -1.93
O3B ADP B . 10.74 1.51 -3.25
PA ADP B . 9.77 2.71 0.41
O1A ADP B . 8.98 3.89 -0.08
O2A ADP B . 9.03 1.68 1.24
O3A ADP B . 10.62 1.98 -0.78
O5' ADP B . 10.94 3.37 1.29
C5' ADP B . 11.92 2.56 1.94
C4' ADP B . 12.17 3.10 3.35
O4' ADP B . 12.82 4.38 3.25
C3' ADP B . 10.87 3.38 4.15
O3' ADP B . 11.09 3.10 5.51
C2' ADP B . 10.65 4.86 4.03
O2' ADP B . 9.90 5.42 5.12
C1' ADP B . 12.08 5.35 3.98
N9 ADP B . 12.20 6.65 3.29
C8 ADP B . 11.64 6.99 2.11
N7 ADP B . 12.00 8.25 1.76
C5 ADP B . 12.79 8.70 2.75
C6 ADP B . 13.51 9.94 3.03
N6 ADP B . 13.42 10.98 2.18
N1 ADP B . 14.22 10.00 4.16
C2 ADP B . 14.32 8.99 5.04
N3 ADP B . 13.69 7.82 4.85
C4 ADP B . 12.93 7.64 3.74
MG MG C . 7.16 -0.23 -1.78
O1 2PE D . -1.53 26.50 -4.74
C2 2PE D . -2.90 26.38 -4.33
C3 2PE D . -2.97 26.00 -2.85
O4 2PE D . -2.27 24.76 -2.67
C5 2PE D . -2.98 23.75 -1.93
C6 2PE D . -2.39 22.40 -2.29
O7 2PE D . -1.24 22.09 -1.49
C8 2PE D . -0.47 21.02 -2.05
C9 2PE D . 0.89 20.92 -1.38
O10 2PE D . 1.51 22.18 -1.41
C11 2PE D . 2.83 22.19 -0.89
C12 2PE D . 3.41 23.60 -1.06
O13 2PE D . 2.62 24.49 -0.28
#